data_8K84
#
_entry.id   8K84
#
_cell.length_a   69.899
_cell.length_b   35.599
_cell.length_c   70.422
_cell.angle_alpha   90.000
_cell.angle_beta   117.010
_cell.angle_gamma   90.000
#
_symmetry.space_group_name_H-M   'P 1 21 1'
#
loop_
_entity.id
_entity.type
_entity.pdbx_description
1 polymer 'De novo design protein'
2 non-polymer DI(HYDROXYETHYL)ETHER
3 water water
#
_entity_poly.entity_id   1
_entity_poly.type   'polypeptide(L)'
_entity_poly.pdbx_seq_one_letter_code
;GSLAEVLAETVRWLRLAREDPEAFAARVAALLADPDAFSPTEVAAAYVALAVLARERGDAEAAAAAERLGAHLLATDPET
YLEAQVVLAAIEALLGREEEAEAVLEEALSRLTAANKGDKKDLLKAIKKLFEPEARAQLAAIAAVLDAADNVEAALARLE
KWAERLEKELEHHHHHH
;
_entity_poly.pdbx_strand_id   A,B
#
loop_
_chem_comp.id
_chem_comp.type
_chem_comp.name
_chem_comp.formula
PEG non-polymer DI(HYDROXYETHYL)ETHER 'C4 H10 O3'
#
# COMPACT_ATOMS: atom_id res chain seq x y z
N SER A 2 10.71 7.76 -9.24
CA SER A 2 9.70 7.03 -8.46
C SER A 2 10.19 6.80 -7.05
N LEU A 3 9.24 6.78 -6.12
CA LEU A 3 9.55 6.57 -4.71
C LEU A 3 10.28 5.25 -4.49
N ALA A 4 9.83 4.18 -5.14
CA ALA A 4 10.45 2.87 -4.94
C ALA A 4 11.89 2.82 -5.47
N GLU A 5 12.19 3.58 -6.54
CA GLU A 5 13.56 3.64 -7.05
C GLU A 5 14.47 4.37 -6.08
N VAL A 6 13.98 5.44 -5.43
CA VAL A 6 14.76 6.11 -4.40
C VAL A 6 15.06 5.12 -3.26
N LEU A 7 14.04 4.36 -2.83
CA LEU A 7 14.26 3.35 -1.80
C LEU A 7 15.29 2.31 -2.23
N ALA A 8 15.10 1.74 -3.43
CA ALA A 8 16.05 0.76 -3.94
C ALA A 8 17.47 1.32 -3.97
N GLU A 9 17.62 2.54 -4.46
CA GLU A 9 18.97 3.10 -4.54
C GLU A 9 19.52 3.43 -3.15
N THR A 10 18.63 3.74 -2.20
CA THR A 10 19.08 4.01 -0.83
C THR A 10 19.67 2.75 -0.20
N VAL A 11 19.10 1.58 -0.51
CA VAL A 11 19.67 0.30 -0.09
C VAL A 11 21.12 0.20 -0.55
N ARG A 12 21.36 0.53 -1.82
CA ARG A 12 22.70 0.41 -2.40
C ARG A 12 23.69 1.36 -1.76
N TRP A 13 23.28 2.62 -1.52
CA TRP A 13 24.14 3.57 -0.83
C TRP A 13 24.47 3.12 0.59
N LEU A 14 23.46 2.69 1.35
CA LEU A 14 23.69 2.25 2.73
C LEU A 14 24.58 1.02 2.78
N ARG A 15 24.38 0.07 1.87
CA ARG A 15 25.27 -1.09 1.84
C ARG A 15 26.69 -0.69 1.47
N LEU A 16 26.85 0.29 0.58
CA LEU A 16 28.19 0.74 0.21
C LEU A 16 28.90 1.43 1.37
N ALA A 17 28.16 2.21 2.16
CA ALA A 17 28.73 2.85 3.35
C ALA A 17 29.30 1.80 4.29
N ARG A 18 28.64 0.65 4.38
CA ARG A 18 29.06 -0.42 5.27
C ARG A 18 30.17 -1.26 4.64
N GLU A 19 30.00 -1.67 3.39
CA GLU A 19 30.88 -2.65 2.78
C GLU A 19 32.11 -2.06 2.11
N ASP A 20 32.10 -0.76 1.78
CA ASP A 20 33.27 -0.12 1.15
C ASP A 20 33.25 1.37 1.47
N PRO A 21 33.51 1.73 2.73
CA PRO A 21 33.39 3.15 3.13
C PRO A 21 34.22 4.11 2.30
N GLU A 22 35.38 3.67 1.81
CA GLU A 22 36.20 4.56 0.99
C GLU A 22 35.52 4.88 -0.34
N ALA A 23 34.93 3.88 -1.00
CA ALA A 23 34.18 4.15 -2.22
C ALA A 23 32.91 4.94 -1.94
N PHE A 24 32.29 4.73 -0.77
CA PHE A 24 31.19 5.60 -0.36
C PHE A 24 31.65 7.05 -0.29
N ALA A 25 32.78 7.28 0.39
CA ALA A 25 33.26 8.65 0.57
C ALA A 25 33.60 9.30 -0.76
N ALA A 26 34.19 8.53 -1.69
CA ALA A 26 34.59 9.09 -2.98
C ALA A 26 33.37 9.45 -3.83
N ARG A 27 32.35 8.60 -3.85
CA ARG A 27 31.18 8.88 -4.66
C ARG A 27 30.39 10.05 -4.08
N VAL A 28 30.28 10.12 -2.75
CA VAL A 28 29.64 11.27 -2.12
C VAL A 28 30.36 12.57 -2.49
N ALA A 29 31.70 12.57 -2.42
CA ALA A 29 32.42 13.76 -2.85
C ALA A 29 32.06 14.12 -4.29
N ALA A 30 31.93 13.11 -5.14
CA ALA A 30 31.57 13.36 -6.54
C ALA A 30 30.19 13.99 -6.65
N LEU A 31 29.21 13.45 -5.91
CA LEU A 31 27.86 14.01 -5.98
C LEU A 31 27.83 15.42 -5.41
N LEU A 32 28.58 15.65 -4.32
CA LEU A 32 28.60 17.00 -3.74
C LEU A 32 29.24 18.01 -4.68
N ALA A 33 30.24 17.59 -5.45
CA ALA A 33 30.89 18.51 -6.37
C ALA A 33 30.01 18.87 -7.56
N ASP A 34 29.17 17.93 -8.03
CA ASP A 34 28.40 18.12 -9.27
C ASP A 34 27.16 17.23 -9.20
N PRO A 35 26.20 17.55 -8.32
CA PRO A 35 25.01 16.69 -8.20
C PRO A 35 24.23 16.59 -9.49
N ASP A 36 24.23 17.64 -10.31
CA ASP A 36 23.47 17.60 -11.55
C ASP A 36 24.02 16.59 -12.55
N ALA A 37 25.25 16.08 -12.36
CA ALA A 37 25.80 15.03 -13.19
C ALA A 37 25.21 13.65 -12.87
N PHE A 38 24.44 13.54 -11.80
CA PHE A 38 23.88 12.27 -11.39
C PHE A 38 22.36 12.34 -11.54
N SER A 39 21.74 11.17 -11.65
CA SER A 39 20.30 11.14 -11.79
C SER A 39 19.62 11.63 -10.51
N PRO A 40 18.45 12.26 -10.63
CA PRO A 40 17.75 12.73 -9.42
C PRO A 40 17.56 11.63 -8.39
N THR A 41 17.27 10.41 -8.85
CA THR A 41 17.06 9.30 -7.93
C THR A 41 18.31 9.02 -7.11
N GLU A 42 19.47 9.12 -7.77
CA GLU A 42 20.75 8.88 -7.10
C GLU A 42 21.06 9.97 -6.08
N VAL A 43 20.81 11.23 -6.42
CA VAL A 43 21.04 12.33 -5.48
C VAL A 43 20.12 12.19 -4.28
N ALA A 44 18.85 11.89 -4.53
CA ALA A 44 17.89 11.72 -3.45
C ALA A 44 18.30 10.59 -2.52
N ALA A 45 18.71 9.46 -3.11
CA ALA A 45 19.12 8.31 -2.31
C ALA A 45 20.36 8.61 -1.50
N ALA A 46 21.33 9.34 -2.09
CA ALA A 46 22.52 9.71 -1.35
C ALA A 46 22.16 10.63 -0.20
N TYR A 47 21.25 11.59 -0.45
CA TYR A 47 20.73 12.41 0.63
C TYR A 47 20.18 11.55 1.77
N VAL A 48 19.37 10.54 1.45
CA VAL A 48 18.75 9.73 2.49
C VAL A 48 19.81 8.96 3.27
N ALA A 49 20.71 8.27 2.56
CA ALA A 49 21.78 7.55 3.23
C ALA A 49 22.59 8.48 4.13
N LEU A 50 22.93 9.67 3.64
CA LEU A 50 23.70 10.60 4.44
C LEU A 50 22.90 11.08 5.67
N ALA A 51 21.61 11.39 5.47
CA ALA A 51 20.79 11.82 6.59
C ALA A 51 20.65 10.71 7.63
N VAL A 52 20.57 9.45 7.17
CA VAL A 52 20.52 8.31 8.10
C VAL A 52 21.83 8.19 8.89
N LEU A 53 22.97 8.27 8.20
CA LEU A 53 24.27 8.28 8.88
C LEU A 53 24.35 9.40 9.91
N ALA A 54 23.90 10.59 9.54
CA ALA A 54 23.90 11.72 10.47
C ALA A 54 23.09 11.40 11.71
N ARG A 55 21.85 10.95 11.52
CA ARG A 55 20.92 10.77 12.63
C ARG A 55 21.23 9.52 13.44
N GLU A 56 21.67 8.45 12.80
CA GLU A 56 21.83 7.18 13.49
C GLU A 56 23.27 6.89 13.90
N ARG A 57 24.24 7.57 13.31
CA ARG A 57 25.62 7.38 13.73
C ARG A 57 26.23 8.66 14.29
N GLY A 58 25.47 9.74 14.37
CA GLY A 58 26.01 11.02 14.81
C GLY A 58 27.19 11.46 13.96
N ASP A 59 26.99 11.49 12.65
CA ASP A 59 28.05 11.77 11.68
C ASP A 59 27.88 13.22 11.22
N ALA A 60 28.70 14.12 11.78
CA ALA A 60 28.52 15.55 11.50
C ALA A 60 28.75 15.87 10.03
N GLU A 61 29.76 15.26 9.42
CA GLU A 61 30.02 15.52 8.01
C GLU A 61 28.86 15.03 7.14
N ALA A 62 28.33 13.85 7.43
CA ALA A 62 27.16 13.38 6.68
C ALA A 62 25.99 14.33 6.85
N ALA A 63 25.84 14.89 8.06
CA ALA A 63 24.76 15.84 8.31
C ALA A 63 24.88 17.05 7.41
N ALA A 64 26.06 17.65 7.35
CA ALA A 64 26.23 18.86 6.54
C ALA A 64 26.10 18.52 5.05
N ALA A 65 26.58 17.34 4.66
CA ALA A 65 26.48 16.94 3.26
C ALA A 65 25.03 16.68 2.86
N ALA A 66 24.27 15.98 3.72
CA ALA A 66 22.85 15.79 3.43
C ALA A 66 22.13 17.14 3.33
N GLU A 67 22.48 18.08 4.20
CA GLU A 67 21.82 19.38 4.15
C GLU A 67 22.07 20.08 2.82
N ARG A 68 23.30 19.97 2.29
CA ARG A 68 23.59 20.58 1.00
C ARG A 68 22.84 19.91 -0.14
N LEU A 69 22.77 18.57 -0.13
CA LEU A 69 22.06 17.88 -1.22
C LEU A 69 20.57 18.11 -1.13
N GLY A 70 20.00 18.05 0.07
CA GLY A 70 18.60 18.38 0.23
C GLY A 70 18.28 19.79 -0.25
N ALA A 71 19.10 20.76 0.13
CA ALA A 71 18.89 22.13 -0.33
C ALA A 71 18.87 22.19 -1.85
N HIS A 72 19.82 21.48 -2.48
CA HIS A 72 19.90 21.51 -3.94
C HIS A 72 18.66 20.88 -4.59
N LEU A 73 18.19 19.76 -4.04
CA LEU A 73 16.98 19.14 -4.55
C LEU A 73 15.76 20.04 -4.39
N LEU A 74 15.67 20.72 -3.24
CA LEU A 74 14.55 21.63 -3.03
C LEU A 74 14.59 22.76 -4.05
N ALA A 75 15.77 23.30 -4.32
CA ALA A 75 15.88 24.45 -5.21
C ALA A 75 15.64 24.07 -6.67
N THR A 76 16.00 22.84 -7.08
CA THR A 76 16.00 22.46 -8.49
C THR A 76 15.00 21.37 -8.87
N ASP A 77 14.54 20.54 -7.95
CA ASP A 77 13.70 19.38 -8.29
C ASP A 77 12.81 19.06 -7.09
N PRO A 78 11.79 19.89 -6.85
CA PRO A 78 10.99 19.75 -5.61
C PRO A 78 10.30 18.41 -5.45
N GLU A 79 9.89 17.78 -6.54
CA GLU A 79 9.24 16.47 -6.44
C GLU A 79 10.22 15.41 -5.96
N THR A 80 11.48 15.48 -6.41
CA THR A 80 12.47 14.54 -5.92
C THR A 80 12.82 14.84 -4.47
N TYR A 81 12.95 16.12 -4.12
CA TYR A 81 13.09 16.53 -2.73
C TYR A 81 12.03 15.88 -1.84
N LEU A 82 10.76 16.04 -2.23
CA LEU A 82 9.67 15.48 -1.42
C LEU A 82 9.80 13.95 -1.30
N GLU A 83 10.15 13.26 -2.40
CA GLU A 83 10.34 11.82 -2.33
C GLU A 83 11.44 11.44 -1.37
N ALA A 84 12.58 12.15 -1.45
CA ALA A 84 13.70 11.93 -0.54
C ALA A 84 13.29 12.10 0.92
N GLN A 85 12.48 13.11 1.21
CA GLN A 85 12.09 13.35 2.59
C GLN A 85 11.12 12.28 3.08
N VAL A 86 10.19 11.84 2.22
CA VAL A 86 9.25 10.79 2.59
C VAL A 86 9.98 9.49 2.88
N VAL A 87 10.94 9.13 2.03
CA VAL A 87 11.75 7.94 2.27
C VAL A 87 12.52 8.07 3.57
N LEU A 88 13.16 9.22 3.80
CA LEU A 88 13.87 9.42 5.07
C LEU A 88 12.91 9.23 6.25
N ALA A 89 11.73 9.83 6.15
CA ALA A 89 10.73 9.70 7.21
C ALA A 89 10.34 8.25 7.42
N ALA A 90 10.16 7.49 6.35
CA ALA A 90 9.80 6.08 6.49
C ALA A 90 10.89 5.31 7.24
N ILE A 91 12.16 5.61 6.93
CA ILE A 91 13.26 4.87 7.55
C ILE A 91 13.38 5.21 9.04
N GLU A 92 13.28 6.49 9.39
CA GLU A 92 13.24 6.86 10.81
C GLU A 92 12.08 6.18 11.53
N ALA A 93 10.90 6.14 10.91
CA ALA A 93 9.76 5.46 11.52
C ALA A 93 10.05 3.97 11.69
N LEU A 94 10.64 3.37 10.65
CA LEU A 94 11.01 1.96 10.67
C LEU A 94 11.92 1.64 11.84
N LEU A 95 12.83 2.56 12.18
CA LEU A 95 13.77 2.43 13.28
C LEU A 95 13.14 2.77 14.62
N GLY A 96 11.84 3.02 14.67
CA GLY A 96 11.19 3.37 15.92
C GLY A 96 11.32 4.83 16.35
N ARG A 97 11.67 5.73 15.44
CA ARG A 97 11.82 7.13 15.78
C ARG A 97 10.67 7.92 15.14
N GLU A 98 9.46 7.72 15.69
CA GLU A 98 8.26 8.29 15.08
C GLU A 98 8.22 9.81 15.20
N GLU A 99 8.62 10.36 16.34
CA GLU A 99 8.69 11.82 16.45
C GLU A 99 9.62 12.40 15.39
N GLU A 100 10.80 11.81 15.25
CA GLU A 100 11.73 12.28 14.22
C GLU A 100 11.16 12.13 12.82
N ALA A 101 10.48 11.00 12.56
CA ALA A 101 9.90 10.78 11.23
C ALA A 101 8.87 11.85 10.90
N GLU A 102 8.02 12.18 11.87
CA GLU A 102 7.00 13.19 11.65
C GLU A 102 7.62 14.57 11.53
N ALA A 103 8.70 14.85 12.28
CA ALA A 103 9.36 16.15 12.13
C ALA A 103 9.96 16.30 10.74
N VAL A 104 10.49 15.21 10.17
CA VAL A 104 11.02 15.24 8.82
C VAL A 104 9.93 15.61 7.82
N LEU A 105 8.78 14.94 7.91
CA LEU A 105 7.65 15.29 7.06
C LEU A 105 7.26 16.75 7.24
N GLU A 106 7.19 17.22 8.50
CA GLU A 106 6.78 18.61 8.73
C GLU A 106 7.78 19.60 8.16
N GLU A 107 9.09 19.33 8.34
CA GLU A 107 10.12 20.16 7.73
C GLU A 107 9.98 20.19 6.21
N ALA A 108 9.78 19.01 5.61
CA ALA A 108 9.62 18.94 4.16
C ALA A 108 8.41 19.77 3.71
N LEU A 109 7.29 19.62 4.41
CA LEU A 109 6.09 20.39 4.07
C LEU A 109 6.35 21.89 4.18
N SER A 110 7.02 22.31 5.26
CA SER A 110 7.22 23.73 5.49
C SER A 110 8.19 24.33 4.48
N ARG A 111 9.27 23.61 4.14
CA ARG A 111 10.16 24.08 3.08
C ARG A 111 9.44 24.14 1.74
N LEU A 112 8.66 23.11 1.41
CA LEU A 112 7.99 23.09 0.11
C LEU A 112 6.99 24.25 -0.02
N THR A 113 6.15 24.47 1.00
CA THR A 113 5.18 25.55 0.90
C THR A 113 5.85 26.92 0.93
N ALA A 114 6.87 27.11 1.77
CA ALA A 114 7.53 28.42 1.82
C ALA A 114 8.23 28.76 0.50
N ALA A 115 8.72 27.75 -0.23
CA ALA A 115 9.31 27.97 -1.54
C ALA A 115 8.27 28.02 -2.65
N ASN A 116 7.00 27.81 -2.33
CA ASN A 116 5.92 27.79 -3.32
C ASN A 116 6.14 26.69 -4.35
N LYS A 117 6.67 25.55 -3.91
CA LYS A 117 6.93 24.43 -4.82
C LYS A 117 6.11 23.18 -4.51
N GLY A 118 5.38 23.15 -3.40
CA GLY A 118 4.59 21.97 -3.06
C GLY A 118 3.63 22.32 -1.94
N ASP A 119 2.67 21.42 -1.72
CA ASP A 119 1.61 21.71 -0.75
C ASP A 119 1.24 20.43 0.01
N LYS A 120 0.22 20.56 0.87
CA LYS A 120 -0.18 19.45 1.71
C LYS A 120 -0.69 18.27 0.89
N LYS A 121 -1.31 18.55 -0.24
CA LYS A 121 -1.80 17.46 -1.08
C LYS A 121 -0.64 16.69 -1.71
N ASP A 122 0.43 17.39 -2.12
CA ASP A 122 1.61 16.69 -2.61
C ASP A 122 2.17 15.74 -1.56
N LEU A 123 2.23 16.21 -0.31
CA LEU A 123 2.78 15.41 0.77
C LEU A 123 1.92 14.16 1.00
N LEU A 124 0.60 14.34 1.08
CA LEU A 124 -0.30 13.21 1.26
C LEU A 124 -0.11 12.17 0.15
N LYS A 125 -0.11 12.62 -1.10
CA LYS A 125 0.06 11.71 -2.22
C LYS A 125 1.40 10.98 -2.12
N ALA A 126 2.47 11.69 -1.75
CA ALA A 126 3.79 11.06 -1.66
C ALA A 126 3.84 10.01 -0.54
N ILE A 127 3.29 10.34 0.64
CA ILE A 127 3.28 9.38 1.73
C ILE A 127 2.56 8.10 1.31
N LYS A 128 1.42 8.24 0.63
CA LYS A 128 0.64 7.05 0.28
C LYS A 128 1.37 6.17 -0.71
N LYS A 129 2.30 6.73 -1.50
CA LYS A 129 3.06 5.88 -2.40
C LYS A 129 3.95 4.92 -1.63
N LEU A 130 4.23 5.19 -0.34
CA LEU A 130 4.97 4.24 0.48
C LEU A 130 4.26 2.91 0.61
N PHE A 131 2.93 2.92 0.56
CA PHE A 131 2.13 1.73 0.85
C PHE A 131 1.95 0.81 -0.35
N GLU A 132 2.30 1.25 -1.56
CA GLU A 132 2.13 0.40 -2.73
C GLU A 132 3.12 -0.78 -2.69
N PRO A 133 2.79 -1.90 -3.34
CA PRO A 133 3.66 -3.08 -3.23
C PRO A 133 5.09 -2.82 -3.66
N GLU A 134 5.29 -2.11 -4.76
CA GLU A 134 6.64 -1.86 -5.28
C GLU A 134 7.49 -1.13 -4.25
N ALA A 135 6.90 -0.15 -3.54
CA ALA A 135 7.63 0.53 -2.49
C ALA A 135 7.79 -0.35 -1.25
N ARG A 136 6.79 -1.18 -0.96
CA ARG A 136 6.89 -2.02 0.24
C ARG A 136 8.00 -3.05 0.10
N ALA A 137 8.15 -3.64 -1.09
CA ALA A 137 9.26 -4.56 -1.33
C ALA A 137 10.60 -3.90 -1.02
N GLN A 138 10.77 -2.63 -1.45
CA GLN A 138 12.05 -1.96 -1.24
C GLN A 138 12.24 -1.53 0.21
N LEU A 139 11.17 -1.14 0.90
CA LEU A 139 11.31 -0.85 2.34
C LEU A 139 11.67 -2.13 3.11
N ALA A 140 11.17 -3.28 2.67
CA ALA A 140 11.62 -4.55 3.22
C ALA A 140 13.13 -4.71 3.03
N ALA A 141 13.64 -4.28 1.87
CA ALA A 141 15.09 -4.32 1.65
C ALA A 141 15.81 -3.36 2.58
N ILE A 142 15.32 -2.13 2.69
CA ILE A 142 15.86 -1.20 3.67
C ILE A 142 15.85 -1.82 5.06
N ALA A 143 14.75 -2.48 5.43
CA ALA A 143 14.64 -3.06 6.77
C ALA A 143 15.68 -4.15 6.98
N ALA A 144 15.96 -4.94 5.95
CA ALA A 144 17.05 -5.91 6.06
C ALA A 144 18.36 -5.20 6.34
N VAL A 145 18.66 -4.15 5.58
CA VAL A 145 19.86 -3.35 5.81
C VAL A 145 19.92 -2.89 7.26
N LEU A 146 18.77 -2.52 7.83
CA LEU A 146 18.73 -1.87 9.13
C LEU A 146 18.32 -2.80 10.28
N ASP A 147 18.17 -4.10 10.04
CA ASP A 147 17.67 -5.03 11.04
C ASP A 147 16.42 -4.46 11.70
N ALA A 148 15.44 -4.09 10.87
CA ALA A 148 14.20 -3.54 11.38
C ALA A 148 13.00 -4.22 10.73
N ALA A 149 13.13 -5.49 10.36
CA ALA A 149 12.07 -6.17 9.62
C ALA A 149 10.79 -6.25 10.45
N ASP A 150 10.90 -6.48 11.76
CA ASP A 150 9.71 -6.64 12.60
C ASP A 150 8.93 -5.35 12.78
N ASN A 151 9.43 -4.22 12.30
CA ASN A 151 8.74 -2.95 12.54
C ASN A 151 8.19 -2.32 11.27
N VAL A 152 8.28 -3.00 10.12
CA VAL A 152 7.83 -2.41 8.84
C VAL A 152 6.35 -2.06 8.89
N GLU A 153 5.51 -2.99 9.35
CA GLU A 153 4.06 -2.77 9.26
C GLU A 153 3.60 -1.67 10.22
N ALA A 154 4.06 -1.73 11.48
CA ALA A 154 3.64 -0.73 12.46
C ALA A 154 4.18 0.65 12.13
N ALA A 155 5.36 0.72 11.50
CA ALA A 155 5.90 2.00 11.04
C ALA A 155 5.03 2.62 9.95
N LEU A 156 4.62 1.82 8.96
CA LEU A 156 3.76 2.34 7.90
C LEU A 156 2.36 2.67 8.42
N ALA A 157 1.86 1.88 9.37
CA ALA A 157 0.58 2.16 9.98
C ALA A 157 0.60 3.50 10.74
N ARG A 158 1.71 3.79 11.42
CA ARG A 158 1.82 5.08 12.11
C ARG A 158 1.82 6.22 11.10
N LEU A 159 2.57 6.07 10.01
CA LEU A 159 2.58 7.11 8.99
C LEU A 159 1.20 7.26 8.35
N GLU A 160 0.47 6.15 8.16
CA GLU A 160 -0.85 6.28 7.54
C GLU A 160 -1.79 7.07 8.44
N LYS A 161 -1.79 6.81 9.74
CA LYS A 161 -2.64 7.62 10.63
C LYS A 161 -2.17 9.06 10.68
N TRP A 162 -0.86 9.30 10.56
CA TRP A 162 -0.40 10.67 10.48
C TRP A 162 -0.96 11.35 9.23
N ALA A 163 -0.86 10.69 8.07
CA ALA A 163 -1.43 11.25 6.85
C ALA A 163 -2.94 11.38 6.97
N GLU A 164 -3.60 10.44 7.65
CA GLU A 164 -5.05 10.50 7.75
C GLU A 164 -5.48 11.74 8.54
N ARG A 165 -4.79 12.04 9.64
CA ARG A 165 -5.13 13.22 10.42
C ARG A 165 -4.88 14.50 9.63
N LEU A 166 -3.76 14.57 8.90
CA LEU A 166 -3.50 15.71 8.01
C LEU A 166 -4.60 15.87 6.98
N GLU A 167 -4.99 14.77 6.33
CA GLU A 167 -6.04 14.84 5.32
C GLU A 167 -7.37 15.25 5.93
N LYS A 168 -7.66 14.83 7.16
CA LYS A 168 -8.94 15.21 7.77
C LYS A 168 -8.97 16.69 8.12
N GLU A 169 -7.85 17.24 8.62
CA GLU A 169 -7.76 18.67 8.88
C GLU A 169 -7.90 19.46 7.58
N LEU A 170 -7.23 19.00 6.53
CA LEU A 170 -7.38 19.58 5.20
C LEU A 170 -8.85 19.60 4.77
N GLU A 171 -9.57 18.50 5.05
CA GLU A 171 -10.97 18.43 4.68
C GLU A 171 -11.82 19.38 5.52
N HIS A 172 -11.62 19.35 6.84
CA HIS A 172 -12.37 20.24 7.73
C HIS A 172 -12.13 21.71 7.37
N HIS A 173 -10.86 22.08 7.17
CA HIS A 173 -10.56 23.43 6.72
C HIS A 173 -11.17 23.73 5.36
N HIS A 174 -11.36 22.70 4.53
CA HIS A 174 -11.90 22.80 3.17
C HIS A 174 -10.92 23.48 2.22
N SER B 2 -15.02 1.80 1.09
CA SER B 2 -13.60 1.57 1.27
C SER B 2 -13.30 0.08 1.50
N LEU B 3 -12.10 -0.32 1.07
CA LEU B 3 -11.71 -1.73 1.11
C LEU B 3 -11.54 -2.23 2.55
N ALA B 4 -10.91 -1.44 3.40
CA ALA B 4 -10.76 -1.84 4.80
C ALA B 4 -12.13 -2.09 5.44
N GLU B 5 -13.13 -1.29 5.07
CA GLU B 5 -14.47 -1.44 5.61
C GLU B 5 -15.13 -2.72 5.09
N VAL B 6 -14.89 -3.07 3.83
CA VAL B 6 -15.38 -4.35 3.31
C VAL B 6 -14.74 -5.50 4.08
N LEU B 7 -13.43 -5.40 4.33
CA LEU B 7 -12.75 -6.49 5.01
C LEU B 7 -13.29 -6.66 6.44
N ALA B 8 -13.43 -5.55 7.16
CA ALA B 8 -13.97 -5.60 8.52
C ALA B 8 -15.37 -6.19 8.55
N GLU B 9 -16.21 -5.80 7.59
CA GLU B 9 -17.57 -6.31 7.58
C GLU B 9 -17.60 -7.78 7.19
N THR B 10 -16.66 -8.19 6.34
CA THR B 10 -16.55 -9.61 6.00
C THR B 10 -16.23 -10.44 7.24
N VAL B 11 -15.41 -9.92 8.15
CA VAL B 11 -15.15 -10.62 9.41
C VAL B 11 -16.47 -10.92 10.10
N ARG B 12 -17.34 -9.90 10.18
CA ARG B 12 -18.59 -10.05 10.92
C ARG B 12 -19.53 -11.03 10.23
N TRP B 13 -19.60 -10.99 8.89
CA TRP B 13 -20.45 -11.94 8.17
C TRP B 13 -19.95 -13.37 8.37
N LEU B 14 -18.64 -13.59 8.26
CA LEU B 14 -18.09 -14.94 8.44
C LEU B 14 -18.38 -15.46 9.84
N ARG B 15 -18.23 -14.60 10.85
CA ARG B 15 -18.50 -15.04 12.21
C ARG B 15 -19.98 -15.29 12.43
N LEU B 16 -20.83 -14.50 11.76
CA LEU B 16 -22.27 -14.72 11.89
C LEU B 16 -22.70 -16.06 11.32
N ALA B 17 -22.17 -16.44 10.15
CA ALA B 17 -22.46 -17.76 9.59
C ALA B 17 -22.09 -18.85 10.58
N ARG B 18 -21.02 -18.64 11.33
CA ARG B 18 -20.53 -19.62 12.30
C ARG B 18 -21.37 -19.60 13.58
N GLU B 19 -21.52 -18.43 14.18
CA GLU B 19 -22.07 -18.33 15.52
C GLU B 19 -23.59 -18.25 15.56
N ASP B 20 -24.24 -17.92 14.45
CA ASP B 20 -25.70 -17.81 14.39
C ASP B 20 -26.17 -18.09 12.97
N PRO B 21 -26.09 -19.35 12.52
CA PRO B 21 -26.44 -19.64 11.11
C PRO B 21 -27.84 -19.18 10.72
N GLU B 22 -28.81 -19.29 11.63
CA GLU B 22 -30.18 -18.90 11.29
C GLU B 22 -30.31 -17.40 11.09
N ALA B 23 -29.65 -16.59 11.92
CA ALA B 23 -29.62 -15.14 11.68
C ALA B 23 -28.86 -14.80 10.41
N PHE B 24 -27.75 -15.51 10.16
CA PHE B 24 -27.05 -15.39 8.88
C PHE B 24 -28.00 -15.60 7.71
N ALA B 25 -28.75 -16.71 7.73
CA ALA B 25 -29.64 -17.04 6.60
C ALA B 25 -30.74 -15.99 6.44
N ALA B 26 -31.26 -15.48 7.56
CA ALA B 26 -32.32 -14.48 7.50
C ALA B 26 -31.80 -13.15 6.96
N ARG B 27 -30.60 -12.75 7.38
CA ARG B 27 -30.04 -11.50 6.87
C ARG B 27 -29.70 -11.64 5.39
N VAL B 28 -29.18 -12.80 4.99
CA VAL B 28 -28.92 -13.02 3.56
C VAL B 28 -30.22 -12.96 2.78
N ALA B 29 -31.30 -13.57 3.31
CA ALA B 29 -32.60 -13.48 2.67
C ALA B 29 -33.01 -12.02 2.43
N ALA B 30 -32.88 -11.18 3.47
CA ALA B 30 -33.22 -9.76 3.35
C ALA B 30 -32.39 -9.09 2.28
N LEU B 31 -31.09 -9.36 2.28
CA LEU B 31 -30.21 -8.68 1.35
C LEU B 31 -30.51 -9.12 -0.09
N LEU B 32 -30.86 -10.40 -0.28
CA LEU B 32 -31.24 -10.89 -1.60
C LEU B 32 -32.55 -10.25 -2.06
N ALA B 33 -33.46 -9.98 -1.13
CA ALA B 33 -34.74 -9.40 -1.54
C ALA B 33 -34.57 -7.93 -1.93
N ASP B 34 -33.69 -7.20 -1.26
CA ASP B 34 -33.58 -5.74 -1.45
C ASP B 34 -32.17 -5.29 -1.13
N PRO B 35 -31.22 -5.59 -2.01
CA PRO B 35 -29.82 -5.23 -1.70
C PRO B 35 -29.61 -3.73 -1.53
N ASP B 36 -30.33 -2.89 -2.29
CA ASP B 36 -30.14 -1.45 -2.18
C ASP B 36 -30.61 -0.88 -0.85
N ALA B 37 -31.35 -1.66 -0.04
CA ALA B 37 -31.69 -1.25 1.31
C ALA B 37 -30.51 -1.34 2.27
N PHE B 38 -29.38 -1.90 1.82
CA PHE B 38 -28.21 -2.09 2.67
C PHE B 38 -27.04 -1.28 2.12
N SER B 39 -26.06 -1.04 2.97
CA SER B 39 -24.92 -0.26 2.53
C SER B 39 -24.12 -1.07 1.50
N PRO B 40 -23.46 -0.38 0.57
CA PRO B 40 -22.62 -1.10 -0.40
C PRO B 40 -21.56 -1.99 0.27
N THR B 41 -20.93 -1.47 1.32
CA THR B 41 -19.96 -2.26 2.07
C THR B 41 -20.55 -3.57 2.59
N GLU B 42 -21.81 -3.51 3.03
CA GLU B 42 -22.47 -4.68 3.59
C GLU B 42 -22.83 -5.69 2.51
N VAL B 43 -23.29 -5.21 1.35
CA VAL B 43 -23.58 -6.10 0.22
C VAL B 43 -22.30 -6.79 -0.24
N ALA B 44 -21.21 -6.02 -0.37
CA ALA B 44 -19.94 -6.59 -0.79
C ALA B 44 -19.50 -7.67 0.19
N ALA B 45 -19.64 -7.39 1.49
CA ALA B 45 -19.16 -8.33 2.51
C ALA B 45 -20.02 -9.59 2.54
N ALA B 46 -21.34 -9.44 2.38
CA ALA B 46 -22.20 -10.61 2.27
C ALA B 46 -21.81 -11.44 1.07
N TYR B 47 -21.57 -10.79 -0.07
CA TYR B 47 -21.11 -11.51 -1.25
C TYR B 47 -19.85 -12.30 -0.96
N VAL B 48 -18.85 -11.64 -0.39
CA VAL B 48 -17.60 -12.34 -0.09
C VAL B 48 -17.87 -13.55 0.80
N ALA B 49 -18.60 -13.33 1.91
CA ALA B 49 -18.90 -14.45 2.80
C ALA B 49 -19.56 -15.61 2.06
N LEU B 50 -20.54 -15.31 1.21
CA LEU B 50 -21.25 -16.36 0.51
C LEU B 50 -20.36 -17.05 -0.51
N ALA B 51 -19.51 -16.29 -1.21
CA ALA B 51 -18.57 -16.89 -2.14
C ALA B 51 -17.58 -17.81 -1.43
N VAL B 52 -17.20 -17.47 -0.19
CA VAL B 52 -16.29 -18.33 0.55
C VAL B 52 -16.97 -19.62 0.97
N LEU B 53 -18.20 -19.52 1.50
CA LEU B 53 -18.99 -20.73 1.78
C LEU B 53 -19.12 -21.61 0.54
N ALA B 54 -19.46 -20.98 -0.59
CA ALA B 54 -19.56 -21.72 -1.85
C ALA B 54 -18.28 -22.48 -2.15
N ARG B 55 -17.14 -21.80 -2.04
CA ARG B 55 -15.89 -22.38 -2.52
C ARG B 55 -15.23 -23.28 -1.50
N GLU B 56 -15.35 -22.95 -0.21
CA GLU B 56 -14.68 -23.69 0.83
C GLU B 56 -15.54 -24.77 1.46
N ARG B 57 -16.86 -24.67 1.35
CA ARG B 57 -17.76 -25.63 1.94
C ARG B 57 -18.68 -26.32 0.95
N GLY B 58 -18.56 -26.03 -0.35
CA GLY B 58 -19.42 -26.71 -1.30
C GLY B 58 -20.89 -26.37 -1.16
N ASP B 59 -21.20 -25.12 -0.87
CA ASP B 59 -22.56 -24.68 -0.53
C ASP B 59 -23.20 -24.14 -1.80
N ALA B 60 -24.05 -24.95 -2.44
CA ALA B 60 -24.66 -24.54 -3.70
C ALA B 60 -25.60 -23.36 -3.54
N GLU B 61 -26.30 -23.27 -2.40
CA GLU B 61 -27.17 -22.13 -2.19
C GLU B 61 -26.37 -20.85 -2.05
N ALA B 62 -25.28 -20.90 -1.28
CA ALA B 62 -24.44 -19.72 -1.14
C ALA B 62 -23.88 -19.29 -2.50
N ALA B 63 -23.52 -20.26 -3.34
CA ALA B 63 -22.97 -19.97 -4.67
C ALA B 63 -23.95 -19.17 -5.50
N ALA B 64 -25.20 -19.61 -5.58
CA ALA B 64 -26.19 -18.89 -6.37
C ALA B 64 -26.44 -17.50 -5.80
N ALA B 65 -26.49 -17.40 -4.46
CA ALA B 65 -26.71 -16.11 -3.82
C ALA B 65 -25.56 -15.15 -4.10
N ALA B 66 -24.33 -15.63 -3.94
CA ALA B 66 -23.16 -14.79 -4.26
C ALA B 66 -23.24 -14.29 -5.69
N GLU B 67 -23.54 -15.18 -6.64
CA GLU B 67 -23.61 -14.80 -8.04
C GLU B 67 -24.62 -13.68 -8.27
N ARG B 68 -25.78 -13.77 -7.61
CA ARG B 68 -26.81 -12.73 -7.74
C ARG B 68 -26.33 -11.40 -7.16
N LEU B 69 -25.73 -11.43 -5.96
CA LEU B 69 -25.24 -10.19 -5.36
C LEU B 69 -24.10 -9.59 -6.17
N GLY B 70 -23.18 -10.43 -6.65
CA GLY B 70 -22.07 -9.94 -7.46
C GLY B 70 -22.52 -9.32 -8.76
N ALA B 71 -23.48 -9.95 -9.43
CA ALA B 71 -24.04 -9.37 -10.66
C ALA B 71 -24.72 -8.03 -10.37
N HIS B 72 -25.38 -7.92 -9.21
CA HIS B 72 -26.02 -6.67 -8.83
C HIS B 72 -25.00 -5.57 -8.59
N LEU B 73 -23.92 -5.88 -7.88
CA LEU B 73 -22.86 -4.90 -7.64
C LEU B 73 -22.20 -4.49 -8.95
N LEU B 74 -21.97 -5.44 -9.84
CA LEU B 74 -21.34 -5.13 -11.12
C LEU B 74 -22.22 -4.18 -11.93
N ALA B 75 -23.54 -4.40 -11.91
CA ALA B 75 -24.44 -3.59 -12.71
C ALA B 75 -24.66 -2.21 -12.12
N THR B 76 -24.60 -2.06 -10.78
CA THR B 76 -25.02 -0.82 -10.14
C THR B 76 -23.93 -0.07 -9.37
N ASP B 77 -22.83 -0.74 -8.98
CA ASP B 77 -21.77 -0.10 -8.19
C ASP B 77 -20.45 -0.80 -8.50
N PRO B 78 -19.89 -0.56 -9.69
CA PRO B 78 -18.73 -1.35 -10.12
C PRO B 78 -17.51 -1.26 -9.22
N GLU B 79 -17.26 -0.09 -8.60
CA GLU B 79 -16.13 0.03 -7.70
C GLU B 79 -16.28 -0.86 -6.47
N THR B 80 -17.49 -0.96 -5.93
CA THR B 80 -17.73 -1.89 -4.83
C THR B 80 -17.64 -3.35 -5.31
N TYR B 81 -18.12 -3.63 -6.51
CA TYR B 81 -17.94 -4.94 -7.12
C TYR B 81 -16.46 -5.34 -7.12
N LEU B 82 -15.59 -4.40 -7.52
CA LEU B 82 -14.16 -4.69 -7.60
C LEU B 82 -13.56 -4.87 -6.22
N GLU B 83 -13.97 -4.05 -5.26
CA GLU B 83 -13.56 -4.27 -3.86
C GLU B 83 -13.96 -5.65 -3.39
N ALA B 84 -15.20 -6.05 -3.67
CA ALA B 84 -15.66 -7.38 -3.29
C ALA B 84 -14.79 -8.47 -3.90
N GLN B 85 -14.45 -8.34 -5.19
CA GLN B 85 -13.68 -9.39 -5.85
C GLN B 85 -12.26 -9.46 -5.33
N VAL B 86 -11.66 -8.31 -5.00
CA VAL B 86 -10.30 -8.28 -4.49
C VAL B 86 -10.24 -8.91 -3.10
N VAL B 87 -11.24 -8.63 -2.26
CA VAL B 87 -11.28 -9.24 -0.94
C VAL B 87 -11.45 -10.76 -1.07
N LEU B 88 -12.37 -11.21 -1.94
CA LEU B 88 -12.55 -12.64 -2.14
C LEU B 88 -11.26 -13.31 -2.60
N ALA B 89 -10.61 -12.72 -3.60
CA ALA B 89 -9.34 -13.25 -4.09
C ALA B 89 -8.28 -13.31 -2.99
N ALA B 90 -8.20 -12.27 -2.15
CA ALA B 90 -7.27 -12.29 -1.01
C ALA B 90 -7.56 -13.46 -0.07
N ILE B 91 -8.84 -13.71 0.22
CA ILE B 91 -9.18 -14.79 1.15
C ILE B 91 -8.77 -16.14 0.56
N GLU B 92 -9.11 -16.37 -0.70
CA GLU B 92 -8.69 -17.60 -1.37
C GLU B 92 -7.19 -17.76 -1.33
N ALA B 93 -6.44 -16.66 -1.54
CA ALA B 93 -4.99 -16.70 -1.42
C ALA B 93 -4.56 -16.97 0.03
N LEU B 94 -5.29 -16.44 1.02
CA LEU B 94 -4.96 -16.72 2.42
C LEU B 94 -5.11 -18.19 2.74
N LEU B 95 -6.08 -18.85 2.12
CA LEU B 95 -6.37 -20.26 2.33
C LEU B 95 -5.51 -21.16 1.45
N GLY B 96 -4.56 -20.59 0.70
CA GLY B 96 -3.64 -21.38 -0.08
C GLY B 96 -4.10 -21.73 -1.47
N ARG B 97 -5.12 -21.06 -1.99
CA ARG B 97 -5.69 -21.40 -3.29
C ARG B 97 -5.38 -20.30 -4.29
N GLU B 98 -4.09 -20.19 -4.64
CA GLU B 98 -3.60 -19.06 -5.42
C GLU B 98 -4.15 -19.06 -6.83
N GLU B 99 -4.21 -20.23 -7.47
CA GLU B 99 -4.84 -20.34 -8.79
C GLU B 99 -6.27 -19.83 -8.74
N GLU B 100 -7.02 -20.23 -7.71
CA GLU B 100 -8.40 -19.78 -7.57
C GLU B 100 -8.48 -18.29 -7.31
N ALA B 101 -7.62 -17.78 -6.43
CA ALA B 101 -7.52 -16.35 -6.18
C ALA B 101 -7.28 -15.59 -7.48
N GLU B 102 -6.31 -16.07 -8.28
CA GLU B 102 -6.03 -15.42 -9.57
C GLU B 102 -7.23 -15.53 -10.50
N ALA B 103 -7.89 -16.69 -10.52
CA ALA B 103 -9.09 -16.83 -11.34
C ALA B 103 -10.14 -15.78 -10.97
N VAL B 104 -10.30 -15.52 -9.67
CA VAL B 104 -11.29 -14.51 -9.24
C VAL B 104 -10.93 -13.16 -9.82
N LEU B 105 -9.67 -12.75 -9.70
CA LEU B 105 -9.24 -11.48 -10.27
C LEU B 105 -9.46 -11.45 -11.78
N GLU B 106 -9.16 -12.56 -12.46
CA GLU B 106 -9.37 -12.61 -13.91
C GLU B 106 -10.84 -12.53 -14.28
N GLU B 107 -11.70 -13.15 -13.48
CA GLU B 107 -13.13 -13.06 -13.76
C GLU B 107 -13.63 -11.64 -13.56
N ALA B 108 -13.25 -11.02 -12.44
CA ALA B 108 -13.59 -9.62 -12.19
C ALA B 108 -13.14 -8.72 -13.35
N LEU B 109 -11.90 -8.89 -13.81
CA LEU B 109 -11.40 -8.08 -14.92
C LEU B 109 -12.26 -8.26 -16.16
N SER B 110 -12.52 -9.52 -16.54
CA SER B 110 -13.24 -9.79 -17.77
C SER B 110 -14.67 -9.29 -17.72
N ARG B 111 -15.34 -9.47 -16.58
CA ARG B 111 -16.74 -9.03 -16.48
C ARG B 111 -16.81 -7.51 -16.40
N LEU B 112 -15.87 -6.89 -15.71
CA LEU B 112 -15.80 -5.44 -15.67
C LEU B 112 -15.63 -4.85 -17.06
N THR B 113 -14.64 -5.33 -17.82
CA THR B 113 -14.39 -4.77 -19.14
C THR B 113 -15.51 -5.12 -20.11
N ALA B 114 -16.01 -6.37 -20.07
CA ALA B 114 -17.08 -6.74 -20.99
C ALA B 114 -18.31 -5.85 -20.81
N ALA B 115 -18.60 -5.45 -19.57
CA ALA B 115 -19.76 -4.62 -19.31
C ALA B 115 -19.46 -3.14 -19.47
N ASN B 116 -18.26 -2.79 -19.94
CA ASN B 116 -17.80 -1.40 -20.03
C ASN B 116 -17.98 -0.65 -18.70
N LYS B 117 -17.82 -1.35 -17.56
CA LYS B 117 -17.96 -0.75 -16.25
C LYS B 117 -16.62 -0.31 -15.66
N GLY B 118 -15.51 -0.70 -16.26
CA GLY B 118 -14.22 -0.24 -15.82
C GLY B 118 -13.14 -0.85 -16.70
N ASP B 119 -11.89 -0.56 -16.33
CA ASP B 119 -10.77 -1.05 -17.14
C ASP B 119 -9.71 -1.73 -16.29
N LYS B 120 -8.59 -2.09 -16.92
CA LYS B 120 -7.52 -2.82 -16.22
C LYS B 120 -6.84 -1.95 -15.17
N LYS B 121 -6.74 -0.65 -15.40
CA LYS B 121 -6.20 0.24 -14.37
C LYS B 121 -7.08 0.22 -13.11
N ASP B 122 -8.40 0.11 -13.28
CA ASP B 122 -9.28 0.07 -12.12
C ASP B 122 -8.98 -1.13 -11.22
N LEU B 123 -8.65 -2.28 -11.81
CA LEU B 123 -8.36 -3.46 -11.00
C LEU B 123 -6.98 -3.35 -10.33
N LEU B 124 -5.98 -2.81 -11.05
CA LEU B 124 -4.69 -2.56 -10.42
C LEU B 124 -4.85 -1.66 -9.19
N LYS B 125 -5.66 -0.61 -9.31
CA LYS B 125 -5.89 0.29 -8.19
C LYS B 125 -6.53 -0.45 -7.03
N ALA B 126 -7.56 -1.25 -7.31
CA ALA B 126 -8.28 -1.97 -6.26
C ALA B 126 -7.35 -2.93 -5.50
N ILE B 127 -6.51 -3.66 -6.22
CA ILE B 127 -5.58 -4.58 -5.58
C ILE B 127 -4.57 -3.80 -4.73
N LYS B 128 -4.10 -2.67 -5.22
CA LYS B 128 -3.16 -1.88 -4.43
C LYS B 128 -3.80 -1.35 -3.15
N LYS B 129 -5.11 -1.08 -3.16
CA LYS B 129 -5.80 -0.71 -1.92
C LYS B 129 -5.54 -1.70 -0.80
N LEU B 130 -5.34 -2.98 -1.13
CA LEU B 130 -5.18 -4.02 -0.12
C LEU B 130 -3.95 -3.76 0.75
N PHE B 131 -2.93 -3.11 0.20
CA PHE B 131 -1.65 -2.94 0.87
C PHE B 131 -1.58 -1.68 1.71
N GLU B 132 -2.61 -0.85 1.67
CA GLU B 132 -2.69 0.24 2.63
C GLU B 132 -2.77 -0.31 4.05
N PRO B 133 -2.02 0.26 5.00
CA PRO B 133 -1.89 -0.38 6.33
C PRO B 133 -3.22 -0.71 7.00
N GLU B 134 -4.19 0.21 6.99
CA GLU B 134 -5.50 -0.06 7.57
C GLU B 134 -6.16 -1.27 6.92
N ALA B 135 -6.13 -1.33 5.58
CA ALA B 135 -6.68 -2.49 4.87
C ALA B 135 -5.87 -3.74 5.16
N ARG B 136 -4.55 -3.64 5.15
CA ARG B 136 -3.73 -4.80 5.47
C ARG B 136 -4.05 -5.34 6.84
N ALA B 137 -4.29 -4.43 7.80
CA ALA B 137 -4.66 -4.85 9.15
C ALA B 137 -5.97 -5.63 9.15
N GLN B 138 -6.94 -5.22 8.33
CA GLN B 138 -8.23 -5.91 8.29
C GLN B 138 -8.13 -7.24 7.55
N LEU B 139 -7.20 -7.36 6.60
CA LEU B 139 -6.91 -8.68 6.02
C LEU B 139 -6.32 -9.62 7.06
N ALA B 140 -5.40 -9.12 7.88
CA ALA B 140 -4.84 -9.93 8.95
C ALA B 140 -5.93 -10.34 9.94
N ALA B 141 -6.90 -9.46 10.18
CA ALA B 141 -8.01 -9.82 11.06
C ALA B 141 -8.86 -10.92 10.45
N ILE B 142 -9.07 -10.89 9.12
CA ILE B 142 -9.75 -11.98 8.43
C ILE B 142 -8.95 -13.27 8.56
N ALA B 143 -7.64 -13.17 8.41
CA ALA B 143 -6.78 -14.35 8.52
C ALA B 143 -6.91 -14.99 9.89
N ALA B 144 -7.15 -14.21 10.94
CA ALA B 144 -7.35 -14.79 12.26
C ALA B 144 -8.67 -15.54 12.32
N VAL B 145 -9.70 -15.03 11.65
CA VAL B 145 -10.98 -15.71 11.57
C VAL B 145 -10.87 -17.04 10.82
N LEU B 146 -9.86 -17.18 9.96
CA LEU B 146 -9.75 -18.35 9.09
C LEU B 146 -8.59 -19.25 9.45
N ASP B 147 -7.96 -19.05 10.62
CA ASP B 147 -6.75 -19.79 11.00
C ASP B 147 -5.71 -19.76 9.89
N ALA B 148 -5.47 -18.57 9.36
CA ALA B 148 -4.54 -18.43 8.25
C ALA B 148 -3.53 -17.32 8.50
N ALA B 149 -3.34 -16.94 9.76
CA ALA B 149 -2.49 -15.80 10.11
C ALA B 149 -1.06 -15.96 9.58
N ASP B 150 -0.58 -17.19 9.44
CA ASP B 150 0.78 -17.42 8.97
C ASP B 150 0.89 -17.32 7.46
N ASN B 151 -0.21 -17.12 6.75
CA ASN B 151 -0.21 -17.03 5.30
C ASN B 151 -0.43 -15.61 4.80
N VAL B 152 -0.46 -14.61 5.68
CA VAL B 152 -0.79 -13.25 5.23
C VAL B 152 0.28 -12.74 4.26
N GLU B 153 1.56 -12.91 4.63
CA GLU B 153 2.62 -12.32 3.82
C GLU B 153 2.81 -13.04 2.50
N ALA B 154 2.54 -14.35 2.46
CA ALA B 154 2.68 -15.10 1.22
C ALA B 154 1.49 -14.84 0.30
N ALA B 155 0.30 -14.68 0.88
CA ALA B 155 -0.88 -14.37 0.08
C ALA B 155 -0.78 -12.97 -0.52
N LEU B 156 -0.28 -12.01 0.25
CA LEU B 156 -0.06 -10.67 -0.29
C LEU B 156 1.06 -10.66 -1.33
N ALA B 157 2.11 -11.45 -1.10
CA ALA B 157 3.19 -11.56 -2.08
C ALA B 157 2.68 -12.05 -3.41
N ARG B 158 1.76 -13.02 -3.39
CA ARG B 158 1.34 -13.61 -4.65
C ARG B 158 0.38 -12.70 -5.40
N LEU B 159 -0.46 -11.95 -4.67
CA LEU B 159 -1.34 -10.98 -5.29
C LEU B 159 -0.55 -9.81 -5.88
N GLU B 160 0.55 -9.43 -5.24
CA GLU B 160 1.39 -8.34 -5.74
C GLU B 160 2.08 -8.76 -7.04
N LYS B 161 2.56 -10.00 -7.12
CA LYS B 161 3.13 -10.50 -8.37
C LYS B 161 2.09 -10.56 -9.47
N TRP B 162 0.84 -10.90 -9.14
CA TRP B 162 -0.20 -10.93 -10.17
C TRP B 162 -0.45 -9.54 -10.71
N ALA B 163 -0.56 -8.54 -9.83
CA ALA B 163 -0.71 -7.17 -10.27
C ALA B 163 0.51 -6.73 -11.09
N GLU B 164 1.71 -7.11 -10.64
CA GLU B 164 2.92 -6.72 -11.33
C GLU B 164 2.95 -7.25 -12.76
N ARG B 165 2.53 -8.50 -12.97
CA ARG B 165 2.45 -9.02 -14.33
C ARG B 165 1.47 -8.21 -15.16
N LEU B 166 0.31 -7.86 -14.59
CA LEU B 166 -0.67 -7.06 -15.32
C LEU B 166 -0.13 -5.67 -15.62
N GLU B 167 0.45 -5.01 -14.62
CA GLU B 167 0.97 -3.67 -14.81
C GLU B 167 2.06 -3.64 -15.87
N LYS B 168 3.01 -4.57 -15.78
CA LYS B 168 4.05 -4.68 -16.80
C LYS B 168 3.43 -4.86 -18.19
N GLU B 169 2.40 -5.70 -18.29
CA GLU B 169 1.71 -5.93 -19.55
C GLU B 169 1.11 -4.64 -20.10
N LEU B 170 0.47 -3.87 -19.23
CA LEU B 170 -0.08 -2.57 -19.60
C LEU B 170 1.01 -1.64 -20.11
N GLU B 171 2.10 -1.52 -19.35
CA GLU B 171 3.18 -0.59 -19.71
C GLU B 171 3.88 -1.02 -20.99
N HIS B 172 4.12 -2.32 -21.15
CA HIS B 172 4.65 -2.79 -22.42
C HIS B 172 3.71 -2.45 -23.57
N HIS B 173 2.40 -2.68 -23.37
CA HIS B 173 1.43 -2.45 -24.43
C HIS B 173 1.38 -0.98 -24.81
N HIS B 174 1.34 -0.09 -23.81
CA HIS B 174 1.24 1.33 -24.06
C HIS B 174 2.54 1.96 -24.54
N HIS B 175 3.65 1.25 -24.46
CA HIS B 175 4.95 1.78 -24.88
C HIS B 175 5.71 0.75 -25.71
C1 PEG C . 27.46 2.19 7.70
O1 PEG C . 28.66 2.19 8.46
C2 PEG C . 26.26 2.32 8.58
O2 PEG C . 25.07 2.22 7.80
C3 PEG C . 23.93 2.75 8.45
C4 PEG C . 23.69 2.03 9.73
O4 PEG C . 22.60 2.57 10.45
#